data_6VV3
#
_entry.id   6VV3
#
_cell.length_a   175.353
_cell.length_b   175.353
_cell.length_c   125.155
_cell.angle_alpha   90.000
_cell.angle_beta   90.000
_cell.angle_gamma   120.000
#
_symmetry.space_group_name_H-M   'H 3 2'
#
loop_
_entity.id
_entity.type
_entity.pdbx_description
1 polymer 'N-acetyltransferase Eis'
2 non-polymer 2-[(4-amino-6,7,8,9-tetrahydro-5H-cyclohepta[4,5]thieno[2,3-d]pyrimidin-2-yl)sulfanyl]-N-[2-(piperidin-1-yl)ethyl]acetamide
3 non-polymer 'DIMETHYL SULFOXIDE'
4 non-polymer DI(HYDROXYETHYL)ETHER
5 non-polymer 'SULFATE ION'
6 non-polymer 'CHLORIDE ION'
7 water water
#
_entity_poly.entity_id   1
_entity_poly.type   'polypeptide(L)'
_entity_poly.pdbx_seq_one_letter_code
;MGSSHHHHHHSSGLVPRGSHMTVTLCSPTEDDWPGMFLLAAASFTDFIGPESATAWRTLVPTDGAVVVRDGAGPGSEVVG
MALYMDLRLTVPGEVVLPTAGLSFVAVAPTHRRRGLLRAMCAELHRRIADSGYPVAALHASEGGIYGRFGYGPATTLHEL
TVDRRFARFHADAPGGGLGGSSVRLVRPTEHRGEFEAIYERWRQQVPGGLLRPQVLWDELLAEAKAAPGGDRESFALLHP
DGYALYRVDRTDLKLARVSELRAVTADAHCALWRALIGLDSMERISIITHPQDPLPHLLTDTRLARTTWRQDGLWLRIMN
VPAALEARGYAHEVGEFSTVLEVSDGGRFALKIGDGRARCTPTDAAAEIEMDRDVLGSLYLGAHRASTLAAANRLRTKDS
QLLRRLDAAFASDVPVQTAFEF
;
_entity_poly.pdbx_strand_id   A
#
# COMPACT_ATOMS: atom_id res chain seq x y z
N VAL A 23 -20.41 5.45 27.93
CA VAL A 23 -19.42 5.38 26.81
C VAL A 23 -18.28 6.36 27.09
N THR A 24 -17.07 5.82 27.34
CA THR A 24 -15.85 6.61 27.65
C THR A 24 -14.83 6.37 26.54
N LEU A 25 -14.06 7.39 26.13
CA LEU A 25 -13.02 7.24 25.08
C LEU A 25 -11.65 7.58 25.66
N CYS A 26 -10.76 6.60 25.81
CA CYS A 26 -9.41 6.80 26.41
C CYS A 26 -8.39 5.81 25.84
N SER A 27 -7.12 6.03 26.18
CA SER A 27 -6.01 5.11 25.80
C SER A 27 -6.20 3.81 26.57
N PRO A 28 -6.05 2.63 25.92
CA PRO A 28 -6.19 1.37 26.62
C PRO A 28 -5.05 1.17 27.62
N THR A 29 -5.36 0.51 28.73
CA THR A 29 -4.37 0.03 29.71
C THR A 29 -4.05 -1.42 29.38
N GLU A 30 -3.06 -2.02 30.04
CA GLU A 30 -2.68 -3.42 29.76
C GLU A 30 -3.89 -4.34 30.01
N ASP A 31 -4.78 -3.98 30.94
CA ASP A 31 -5.98 -4.80 31.31
C ASP A 31 -7.02 -4.77 30.19
N ASP A 32 -6.97 -3.74 29.34
CA ASP A 32 -7.97 -3.52 28.25
C ASP A 32 -7.68 -4.43 27.04
N TRP A 33 -6.47 -4.97 26.89
CA TRP A 33 -6.05 -5.64 25.63
C TRP A 33 -6.78 -6.97 25.44
N PRO A 34 -7.04 -7.79 26.48
CA PRO A 34 -7.80 -9.03 26.28
C PRO A 34 -9.21 -8.75 25.73
N GLY A 35 -9.84 -7.68 26.21
CA GLY A 35 -11.13 -7.18 25.69
C GLY A 35 -11.04 -6.72 24.25
N MET A 36 -9.90 -6.14 23.86
CA MET A 36 -9.63 -5.66 22.47
C MET A 36 -9.47 -6.88 21.55
N PHE A 37 -8.76 -7.92 22.01
CA PHE A 37 -8.53 -9.18 21.26
C PHE A 37 -9.84 -9.94 21.06
N LEU A 38 -10.74 -9.89 22.05
CA LEU A 38 -12.09 -10.48 21.93
C LEU A 38 -12.85 -9.71 20.84
N LEU A 39 -12.87 -8.39 20.93
CA LEU A 39 -13.53 -7.58 19.89
C LEU A 39 -12.90 -7.91 18.53
N ALA A 40 -11.59 -8.04 18.47
CA ALA A 40 -10.84 -8.34 17.23
C ALA A 40 -11.26 -9.68 16.64
N ALA A 41 -11.33 -10.71 17.47
CA ALA A 41 -11.71 -12.07 17.02
C ALA A 41 -13.12 -12.06 16.41
N ALA A 42 -14.04 -11.30 17.00
CA ALA A 42 -15.43 -11.26 16.53
C ALA A 42 -15.57 -10.29 15.35
N SER A 43 -14.59 -9.44 15.10
CA SER A 43 -14.74 -8.44 14.03
C SER A 43 -13.91 -8.80 12.79
N PHE A 44 -12.83 -9.54 12.98
CA PHE A 44 -11.94 -9.86 11.83
C PHE A 44 -11.85 -11.39 11.71
N THR A 45 -12.13 -11.93 10.53
CA THR A 45 -12.11 -13.40 10.36
C THR A 45 -10.68 -13.87 10.21
N ASP A 46 -9.85 -13.08 9.55
CA ASP A 46 -8.43 -13.49 9.35
C ASP A 46 -7.63 -13.09 10.58
N PHE A 47 -7.95 -13.70 11.72
CA PHE A 47 -7.24 -13.30 12.95
C PHE A 47 -6.15 -14.32 13.26
N ILE A 48 -4.94 -13.83 13.52
CA ILE A 48 -3.77 -14.67 13.83
C ILE A 48 -3.64 -14.84 15.35
N GLY A 49 -4.63 -14.41 16.12
CA GLY A 49 -4.61 -14.62 17.57
C GLY A 49 -3.83 -13.57 18.31
N PRO A 50 -3.62 -13.69 19.64
CA PRO A 50 -2.87 -12.74 20.45
C PRO A 50 -1.39 -12.99 20.79
N GLU A 51 -0.71 -13.84 20.02
CA GLU A 51 0.65 -14.41 20.29
C GLU A 51 1.59 -14.00 19.15
N SER A 52 1.00 -13.51 18.05
CA SER A 52 1.63 -12.87 16.87
C SER A 52 1.19 -11.40 16.84
N ALA A 53 0.38 -11.02 17.83
CA ALA A 53 -0.08 -9.66 18.11
C ALA A 53 1.03 -8.94 18.87
N THR A 54 1.95 -9.70 19.47
CA THR A 54 3.14 -9.19 20.17
C THR A 54 4.02 -8.48 19.15
N ALA A 55 4.24 -9.09 18.00
CA ALA A 55 5.07 -8.49 16.94
C ALA A 55 4.42 -7.20 16.41
N TRP A 56 3.14 -7.24 16.07
CA TRP A 56 2.46 -6.04 15.51
C TRP A 56 2.32 -4.93 16.56
N ARG A 57 2.22 -5.28 17.83
CA ARG A 57 2.05 -4.27 18.91
C ARG A 57 3.28 -3.40 19.06
N THR A 58 4.47 -3.89 18.73
CA THR A 58 5.73 -3.13 18.81
C THR A 58 5.69 -1.92 17.87
N LEU A 59 4.82 -1.91 16.87
CA LEU A 59 4.73 -0.78 15.89
C LEU A 59 3.70 0.25 16.35
N VAL A 60 2.98 -0.02 17.43
CA VAL A 60 2.01 0.94 18.03
C VAL A 60 2.75 1.80 19.04
N PRO A 61 2.87 3.13 18.82
CA PRO A 61 3.48 3.99 19.83
C PRO A 61 2.57 4.11 21.06
N THR A 62 3.17 4.46 22.20
CA THR A 62 2.48 5.04 23.37
C THR A 62 1.44 6.03 22.85
N ASP A 63 0.18 5.89 23.24
CA ASP A 63 -0.92 6.82 22.85
C ASP A 63 -1.31 6.61 21.38
N GLY A 64 -0.93 5.47 20.80
CA GLY A 64 -1.29 5.09 19.43
C GLY A 64 -2.69 4.48 19.34
N ALA A 65 -3.31 4.15 20.47
CA ALA A 65 -4.56 3.36 20.52
C ALA A 65 -5.64 4.11 21.33
N VAL A 66 -6.89 3.97 20.91
CA VAL A 66 -8.08 4.39 21.69
C VAL A 66 -9.02 3.19 21.81
N VAL A 67 -9.74 3.11 22.94
CA VAL A 67 -10.82 2.11 23.17
C VAL A 67 -12.04 2.87 23.69
N VAL A 68 -13.22 2.30 23.50
CA VAL A 68 -14.49 2.78 24.10
C VAL A 68 -15.03 1.65 24.97
N ARG A 69 -15.26 1.92 26.26
CA ARG A 69 -15.84 0.95 27.22
C ARG A 69 -17.33 1.27 27.42
N ASP A 70 -18.10 0.28 27.86
CA ASP A 70 -19.52 0.45 28.30
C ASP A 70 -19.57 0.26 29.82
N GLY A 71 -19.54 1.38 30.57
CA GLY A 71 -19.81 1.44 32.02
C GLY A 71 -18.67 0.92 32.87
N SER A 76 -15.94 -3.39 32.88
CA SER A 76 -16.72 -3.02 31.68
C SER A 76 -15.96 -3.39 30.40
N GLU A 77 -16.66 -4.01 29.44
CA GLU A 77 -16.09 -4.57 28.18
C GLU A 77 -15.74 -3.46 27.17
N VAL A 78 -14.79 -3.76 26.28
CA VAL A 78 -14.36 -2.93 25.12
C VAL A 78 -15.42 -3.08 24.02
N VAL A 79 -16.04 -1.97 23.59
CA VAL A 79 -17.13 -1.93 22.56
C VAL A 79 -16.67 -1.17 21.30
N GLY A 80 -15.45 -0.64 21.33
CA GLY A 80 -14.89 0.19 20.24
C GLY A 80 -13.39 0.32 20.40
N MET A 81 -12.65 0.17 19.33
CA MET A 81 -11.18 0.36 19.39
C MET A 81 -10.66 0.83 18.03
N ALA A 82 -9.46 1.40 18.04
CA ALA A 82 -8.75 1.91 16.85
C ALA A 82 -7.34 2.29 17.28
N LEU A 83 -6.35 2.05 16.44
CA LEU A 83 -4.95 2.46 16.72
C LEU A 83 -4.25 2.85 15.42
N TYR A 84 -3.06 3.42 15.54
CA TYR A 84 -2.16 3.65 14.39
C TYR A 84 -0.81 3.02 14.71
N MET A 85 -0.09 2.69 13.65
CA MET A 85 1.27 2.12 13.74
C MET A 85 2.23 3.10 13.08
N ASP A 86 3.45 3.17 13.61
CA ASP A 86 4.53 4.03 13.06
C ASP A 86 5.12 3.34 11.82
N LEU A 87 4.88 3.91 10.64
CA LEU A 87 5.34 3.36 9.34
C LEU A 87 6.23 4.39 8.60
N ARG A 88 7.02 3.93 7.64
CA ARG A 88 7.85 4.80 6.76
C ARG A 88 7.44 4.54 5.31
N LEU A 89 6.83 5.52 4.64
CA LEU A 89 6.23 5.38 3.30
C LEU A 89 7.05 6.16 2.28
N THR A 90 7.55 5.45 1.26
CA THR A 90 8.28 6.05 0.13
C THR A 90 7.24 6.72 -0.78
N VAL A 91 7.52 7.96 -1.20
CA VAL A 91 6.65 8.75 -2.11
C VAL A 91 7.48 9.17 -3.32
N PRO A 92 6.84 9.65 -4.42
CA PRO A 92 7.59 10.00 -5.63
C PRO A 92 8.76 10.92 -5.31
N GLY A 93 9.91 10.71 -5.96
CA GLY A 93 11.18 11.39 -5.68
C GLY A 93 12.01 10.62 -4.67
N GLU A 94 11.61 9.39 -4.34
CA GLU A 94 12.31 8.49 -3.37
C GLU A 94 12.43 9.19 -2.01
N VAL A 95 11.44 9.98 -1.63
CA VAL A 95 11.34 10.62 -0.29
C VAL A 95 10.56 9.68 0.63
N VAL A 96 11.05 9.50 1.86
CA VAL A 96 10.44 8.61 2.89
C VAL A 96 9.74 9.48 3.94
N LEU A 97 8.42 9.31 4.09
CA LEU A 97 7.58 10.08 5.05
C LEU A 97 7.24 9.23 6.26
N PRO A 98 7.31 9.79 7.49
CA PRO A 98 6.68 9.14 8.63
C PRO A 98 5.19 9.06 8.31
N THR A 99 4.60 7.88 8.48
CA THR A 99 3.18 7.60 8.13
C THR A 99 2.53 6.93 9.34
N ALA A 100 1.38 7.45 9.76
CA ALA A 100 0.49 6.83 10.75
C ALA A 100 -0.39 5.80 10.03
N GLY A 101 -0.14 4.51 10.30
CA GLY A 101 -0.89 3.40 9.67
C GLY A 101 -2.08 2.98 10.51
N LEU A 102 -3.29 3.40 10.11
CA LEU A 102 -4.54 3.03 10.85
C LEU A 102 -4.80 1.54 10.68
N SER A 103 -5.14 0.88 11.78
CA SER A 103 -5.44 -0.57 11.83
C SER A 103 -6.30 -0.88 13.04
N PHE A 104 -6.85 -2.09 13.08
CA PHE A 104 -7.49 -2.67 14.27
C PHE A 104 -8.69 -1.81 14.66
N VAL A 105 -9.41 -1.27 13.68
CA VAL A 105 -10.60 -0.39 13.90
C VAL A 105 -11.85 -1.29 13.91
N ALA A 106 -12.59 -1.28 15.01
CA ALA A 106 -13.78 -2.14 15.21
C ALA A 106 -14.74 -1.51 16.22
N VAL A 107 -16.03 -1.59 15.90
CA VAL A 107 -17.17 -1.31 16.83
C VAL A 107 -17.91 -2.63 17.05
N ALA A 108 -18.22 -2.96 18.30
CA ALA A 108 -19.02 -4.15 18.68
C ALA A 108 -20.34 -4.15 17.91
N PRO A 109 -20.84 -5.34 17.48
CA PRO A 109 -22.12 -5.44 16.80
C PRO A 109 -23.28 -4.92 17.65
N THR A 110 -23.07 -4.91 18.98
CA THR A 110 -24.02 -4.42 20.01
C THR A 110 -24.13 -2.89 19.99
N HIS A 111 -23.18 -2.16 19.40
CA HIS A 111 -23.05 -0.68 19.57
C HIS A 111 -22.92 0.06 18.23
N ARG A 112 -23.42 -0.50 17.13
CA ARG A 112 -23.47 0.18 15.80
C ARG A 112 -24.31 1.45 15.89
N ARG A 113 -24.23 2.29 14.83
CA ARG A 113 -25.06 3.51 14.59
C ARG A 113 -25.11 4.39 15.86
N ARG A 114 -23.98 4.50 16.58
CA ARG A 114 -23.87 5.25 17.86
C ARG A 114 -22.72 6.28 17.79
N GLY A 115 -22.18 6.54 16.59
CA GLY A 115 -21.14 7.56 16.33
C GLY A 115 -19.83 7.26 17.03
N LEU A 116 -19.55 5.99 17.33
CA LEU A 116 -18.31 5.55 18.03
C LEU A 116 -17.11 5.64 17.08
N LEU A 117 -17.26 5.17 15.84
CA LEU A 117 -16.22 5.25 14.80
C LEU A 117 -15.81 6.71 14.59
N ARG A 118 -16.80 7.61 14.46
CA ARG A 118 -16.57 9.07 14.19
C ARG A 118 -15.73 9.67 15.33
N ALA A 119 -16.07 9.34 16.58
CA ALA A 119 -15.39 9.82 17.81
C ALA A 119 -13.96 9.25 17.88
N MET A 120 -13.81 7.95 17.63
CA MET A 120 -12.49 7.28 17.70
C MET A 120 -11.57 7.82 16.60
N CYS A 121 -12.07 7.98 15.37
CA CYS A 121 -11.29 8.45 14.20
C CYS A 121 -10.87 9.91 14.43
N ALA A 122 -11.76 10.75 14.97
CA ALA A 122 -11.50 12.18 15.26
C ALA A 122 -10.39 12.32 16.31
N GLU A 123 -10.39 11.47 17.35
CA GLU A 123 -9.36 11.50 18.42
C GLU A 123 -8.01 11.04 17.84
N LEU A 124 -7.96 9.93 17.11
CA LEU A 124 -6.67 9.41 16.55
C LEU A 124 -6.10 10.47 15.60
N HIS A 125 -6.92 11.08 14.75
CA HIS A 125 -6.47 12.10 13.77
C HIS A 125 -5.90 13.33 14.48
N ARG A 126 -6.49 13.68 15.62
CA ARG A 126 -6.01 14.76 16.51
C ARG A 126 -4.59 14.42 16.93
N ARG A 127 -4.41 13.22 17.48
CA ARG A 127 -3.13 12.70 18.01
C ARG A 127 -2.09 12.60 16.89
N ILE A 128 -2.50 12.13 15.71
CA ILE A 128 -1.57 11.88 14.58
C ILE A 128 -1.04 13.24 14.10
N ALA A 129 -1.92 14.22 13.97
CA ALA A 129 -1.59 15.59 13.50
C ALA A 129 -0.66 16.27 14.51
N ASP A 130 -0.98 16.18 15.81
CA ASP A 130 -0.22 16.85 16.90
C ASP A 130 1.17 16.23 17.03
N SER A 131 1.32 14.96 16.63
CA SER A 131 2.59 14.19 16.70
C SER A 131 3.51 14.56 15.53
N GLY A 132 2.97 15.16 14.47
CA GLY A 132 3.74 15.70 13.35
C GLY A 132 3.83 14.76 12.15
N TYR A 133 2.91 13.81 12.04
CA TYR A 133 2.77 12.94 10.85
C TYR A 133 2.19 13.77 9.70
N PRO A 134 2.85 13.87 8.53
CA PRO A 134 2.26 14.56 7.39
C PRO A 134 1.11 13.78 6.73
N VAL A 135 1.13 12.44 6.84
CA VAL A 135 0.14 11.56 6.16
C VAL A 135 -0.25 10.41 7.11
N ALA A 136 -1.50 9.96 6.97
CA ALA A 136 -2.02 8.69 7.51
C ALA A 136 -2.41 7.78 6.35
N ALA A 137 -2.40 6.47 6.59
CA ALA A 137 -2.69 5.45 5.57
C ALA A 137 -3.45 4.28 6.21
N LEU A 138 -4.23 3.57 5.39
CA LEU A 138 -4.93 2.33 5.80
C LEU A 138 -5.22 1.47 4.56
N HIS A 139 -5.47 0.20 4.83
CA HIS A 139 -6.07 -0.79 3.89
C HIS A 139 -7.55 -0.92 4.27
N ALA A 140 -8.45 -0.71 3.31
CA ALA A 140 -9.91 -0.58 3.57
C ALA A 140 -10.57 -1.96 3.61
N SER A 141 -11.35 -2.25 4.64
CA SER A 141 -12.20 -3.47 4.72
C SER A 141 -13.38 -3.32 3.75
N GLU A 142 -13.91 -2.10 3.61
CA GLU A 142 -14.96 -1.74 2.62
C GLU A 142 -14.55 -0.43 1.92
N GLY A 143 -14.99 -0.23 0.67
CA GLY A 143 -14.65 0.96 -0.11
C GLY A 143 -15.54 2.15 0.16
N GLY A 144 -16.55 2.03 1.05
CA GLY A 144 -17.60 3.05 1.27
C GLY A 144 -17.50 3.78 2.60
N ILE A 145 -16.54 3.39 3.44
CA ILE A 145 -16.40 3.93 4.82
C ILE A 145 -15.48 5.16 4.78
N TYR A 146 -14.32 5.08 4.13
CA TYR A 146 -13.13 5.88 4.52
C TYR A 146 -13.09 7.24 3.79
N GLY A 147 -13.78 7.42 2.68
CA GLY A 147 -13.83 8.71 1.96
C GLY A 147 -14.26 9.89 2.85
N ARG A 148 -15.28 9.70 3.69
CA ARG A 148 -15.84 10.76 4.56
C ARG A 148 -14.85 11.14 5.67
N PHE A 149 -13.80 10.33 5.87
CA PHE A 149 -12.73 10.61 6.85
C PHE A 149 -11.52 11.26 6.17
N GLY A 150 -11.62 11.55 4.87
CA GLY A 150 -10.55 12.20 4.09
C GLY A 150 -9.51 11.22 3.59
N TYR A 151 -9.84 9.93 3.55
CA TYR A 151 -8.97 8.86 2.99
C TYR A 151 -9.37 8.64 1.52
N GLY A 152 -8.39 8.76 0.61
CA GLY A 152 -8.57 8.47 -0.82
C GLY A 152 -7.77 7.24 -1.21
N PRO A 153 -8.29 6.35 -2.09
CA PRO A 153 -7.50 5.23 -2.58
C PRO A 153 -6.34 5.76 -3.43
N ALA A 154 -5.12 5.31 -3.15
CA ALA A 154 -3.85 5.90 -3.65
C ALA A 154 -3.02 4.90 -4.46
N THR A 155 -3.19 3.59 -4.24
CA THR A 155 -2.59 2.51 -5.07
C THR A 155 -3.67 1.54 -5.55
N THR A 156 -3.39 0.83 -6.64
CA THR A 156 -4.31 -0.15 -7.29
C THR A 156 -3.68 -1.55 -7.32
N LEU A 157 -4.31 -2.51 -6.63
CA LEU A 157 -3.99 -3.96 -6.69
C LEU A 157 -4.55 -4.55 -7.98
N HIS A 158 -3.72 -5.32 -8.67
CA HIS A 158 -3.94 -5.87 -10.03
C HIS A 158 -3.50 -7.34 -9.98
N GLU A 159 -4.46 -8.26 -9.93
CA GLU A 159 -4.14 -9.71 -10.01
C GLU A 159 -3.97 -10.12 -11.48
N LEU A 160 -2.79 -10.65 -11.81
CA LEU A 160 -2.50 -11.35 -13.09
C LEU A 160 -2.50 -12.85 -12.83
N THR A 161 -3.21 -13.61 -13.67
CA THR A 161 -3.16 -15.09 -13.73
C THR A 161 -2.59 -15.47 -15.10
N VAL A 162 -1.43 -16.15 -15.12
CA VAL A 162 -0.79 -16.67 -16.37
C VAL A 162 -1.17 -18.14 -16.55
N ASP A 163 -1.77 -18.54 -17.67
CA ASP A 163 -1.80 -19.97 -18.09
C ASP A 163 -0.41 -20.29 -18.63
N ARG A 164 0.44 -20.87 -17.79
CA ARG A 164 1.90 -21.00 -18.04
C ARG A 164 2.18 -22.10 -19.07
N ARG A 165 1.15 -22.87 -19.45
CA ARG A 165 1.28 -23.97 -20.45
C ARG A 165 1.44 -23.39 -21.86
N PHE A 166 0.90 -22.19 -22.12
CA PHE A 166 1.01 -21.51 -23.44
C PHE A 166 2.10 -20.44 -23.45
N ALA A 167 2.67 -20.07 -22.29
CA ALA A 167 3.59 -18.93 -22.15
C ALA A 167 4.92 -19.22 -22.84
N ARG A 168 5.23 -18.44 -23.88
CA ARG A 168 6.57 -18.38 -24.52
C ARG A 168 7.09 -16.96 -24.33
N PHE A 169 8.35 -16.81 -23.94
CA PHE A 169 9.01 -15.49 -23.79
C PHE A 169 9.33 -14.93 -25.18
N HIS A 170 9.15 -13.62 -25.32
CA HIS A 170 9.48 -12.82 -26.53
C HIS A 170 10.99 -12.93 -26.81
N ALA A 171 11.39 -12.87 -28.07
CA ALA A 171 12.81 -12.82 -28.51
C ALA A 171 13.51 -11.65 -27.80
N ASP A 172 12.81 -10.51 -27.67
CA ASP A 172 13.33 -9.24 -27.10
C ASP A 172 13.59 -9.37 -25.59
N ALA A 173 12.94 -10.31 -24.91
CA ALA A 173 13.00 -10.46 -23.45
C ALA A 173 14.42 -10.82 -23.00
N PRO A 174 14.86 -10.29 -21.83
CA PRO A 174 16.17 -10.59 -21.27
C PRO A 174 16.30 -12.01 -20.70
N GLY A 175 17.55 -12.47 -20.56
CA GLY A 175 17.93 -13.75 -19.92
C GLY A 175 17.42 -14.96 -20.67
N GLY A 176 17.30 -14.89 -22.00
CA GLY A 176 16.84 -16.03 -22.82
C GLY A 176 18.01 -16.82 -23.38
N GLY A 177 19.23 -16.33 -23.15
CA GLY A 177 20.47 -16.91 -23.67
C GLY A 177 20.89 -18.15 -22.88
N LEU A 178 21.94 -18.83 -23.36
CA LEU A 178 22.46 -20.09 -22.75
C LEU A 178 23.25 -19.75 -21.48
N GLY A 179 23.83 -20.77 -20.85
CA GLY A 179 24.54 -20.62 -19.57
C GLY A 179 23.60 -20.95 -18.43
N GLY A 180 24.04 -20.74 -17.19
CA GLY A 180 23.23 -21.10 -16.01
C GLY A 180 22.12 -20.09 -15.77
N SER A 181 21.10 -20.49 -15.02
CA SER A 181 20.10 -19.53 -14.48
C SER A 181 20.75 -18.84 -13.28
N SER A 182 20.53 -17.55 -13.15
CA SER A 182 21.02 -16.77 -11.99
C SER A 182 20.03 -16.92 -10.83
N VAL A 183 18.96 -17.69 -11.02
CA VAL A 183 17.89 -17.90 -10.01
C VAL A 183 18.08 -19.27 -9.34
N ARG A 184 17.95 -19.31 -8.03
CA ARG A 184 18.01 -20.54 -7.21
C ARG A 184 16.65 -20.77 -6.52
N LEU A 185 16.21 -22.02 -6.50
CA LEU A 185 15.05 -22.45 -5.67
C LEU A 185 15.59 -22.76 -4.27
N VAL A 186 15.04 -22.11 -3.24
CA VAL A 186 15.64 -22.13 -1.86
C VAL A 186 14.52 -22.19 -0.82
N ARG A 187 14.87 -22.64 0.40
CA ARG A 187 13.99 -22.54 1.60
C ARG A 187 14.08 -21.09 2.07
N PRO A 188 12.94 -20.39 2.27
CA PRO A 188 12.95 -18.99 2.68
C PRO A 188 13.72 -18.74 3.99
N THR A 189 13.51 -19.59 5.00
CA THR A 189 14.08 -19.45 6.38
C THR A 189 15.61 -19.39 6.33
N GLU A 190 16.23 -19.97 5.30
CA GLU A 190 17.72 -20.10 5.19
C GLU A 190 18.33 -18.88 4.49
N HIS A 191 17.53 -17.95 3.99
CA HIS A 191 18.01 -16.80 3.17
C HIS A 191 17.34 -15.49 3.59
N ARG A 192 16.99 -15.38 4.87
CA ARG A 192 16.33 -14.18 5.44
C ARG A 192 17.14 -12.92 5.10
N GLY A 193 18.43 -12.94 5.42
CA GLY A 193 19.35 -11.81 5.18
C GLY A 193 19.30 -11.32 3.74
N GLU A 194 19.32 -12.24 2.79
CA GLU A 194 19.27 -11.90 1.34
C GLU A 194 17.93 -11.24 1.00
N PHE A 195 16.81 -11.75 1.52
CA PHE A 195 15.46 -11.21 1.19
C PHE A 195 15.34 -9.79 1.75
N GLU A 196 15.81 -9.58 2.98
CA GLU A 196 15.77 -8.28 3.66
C GLU A 196 16.49 -7.23 2.82
N ALA A 197 17.72 -7.55 2.40
CA ALA A 197 18.59 -6.60 1.66
C ALA A 197 17.96 -6.25 0.31
N ILE A 198 17.32 -7.21 -0.37
CA ILE A 198 16.66 -6.91 -1.68
C ILE A 198 15.44 -6.03 -1.41
N TYR A 199 14.63 -6.40 -0.42
CA TYR A 199 13.40 -5.67 -0.05
C TYR A 199 13.78 -4.24 0.35
N GLU A 200 14.80 -4.11 1.20
CA GLU A 200 15.28 -2.80 1.70
C GLU A 200 15.63 -1.88 0.52
N ARG A 201 16.30 -2.41 -0.51
CA ARG A 201 16.62 -1.65 -1.75
C ARG A 201 15.32 -1.30 -2.49
N TRP A 202 14.42 -2.28 -2.62
CA TRP A 202 13.14 -2.16 -3.35
C TRP A 202 12.29 -1.04 -2.73
N ARG A 203 12.10 -1.06 -1.41
CA ARG A 203 11.14 -0.18 -0.72
C ARG A 203 11.62 1.28 -0.80
N GLN A 204 12.92 1.49 -0.90
CA GLN A 204 13.54 2.84 -0.92
C GLN A 204 13.41 3.49 -2.29
N GLN A 205 13.21 2.71 -3.36
CA GLN A 205 13.24 3.26 -4.74
C GLN A 205 11.84 3.26 -5.38
N VAL A 206 10.81 2.75 -4.68
CA VAL A 206 9.44 2.55 -5.25
C VAL A 206 8.42 3.33 -4.42
N PRO A 207 7.65 4.28 -5.01
CA PRO A 207 6.53 4.90 -4.31
C PRO A 207 5.51 3.83 -3.87
N GLY A 208 5.04 3.93 -2.63
CA GLY A 208 4.16 2.94 -1.98
C GLY A 208 4.95 1.98 -1.12
N GLY A 209 6.28 2.02 -1.23
CA GLY A 209 7.20 1.16 -0.46
C GLY A 209 7.09 1.47 1.02
N LEU A 210 7.13 0.44 1.85
CA LEU A 210 7.12 0.55 3.33
C LEU A 210 8.38 -0.09 3.89
N LEU A 211 8.98 0.56 4.88
CA LEU A 211 10.03 -0.07 5.70
C LEU A 211 9.40 -1.30 6.39
N ARG A 212 9.99 -2.47 6.22
CA ARG A 212 9.51 -3.71 6.91
C ARG A 212 10.42 -3.98 8.11
N PRO A 213 9.96 -3.70 9.35
CA PRO A 213 10.77 -3.95 10.55
C PRO A 213 11.06 -5.44 10.80
N GLN A 214 12.04 -5.72 11.66
CA GLN A 214 12.52 -7.09 11.97
C GLN A 214 11.36 -7.98 12.42
N VAL A 215 10.47 -7.48 13.26
CA VAL A 215 9.35 -8.28 13.84
C VAL A 215 8.45 -8.78 12.71
N LEU A 216 8.38 -8.05 11.59
CA LEU A 216 7.49 -8.41 10.45
C LEU A 216 8.21 -9.41 9.53
N TRP A 217 9.55 -9.39 9.50
CA TRP A 217 10.34 -10.48 8.85
C TRP A 217 10.20 -11.77 9.66
N ASP A 218 10.26 -11.69 11.00
CA ASP A 218 10.01 -12.84 11.91
C ASP A 218 8.67 -13.47 11.54
N GLU A 219 7.62 -12.64 11.45
CA GLU A 219 6.23 -13.06 11.16
C GLU A 219 6.12 -13.65 9.74
N LEU A 220 6.79 -13.03 8.77
CA LEU A 220 6.68 -13.44 7.34
C LEU A 220 7.27 -14.84 7.14
N LEU A 221 8.34 -15.17 7.87
CA LEU A 221 9.10 -16.44 7.69
C LEU A 221 8.52 -17.55 8.59
N ALA A 222 7.61 -17.21 9.50
CA ALA A 222 6.83 -18.18 10.31
C ALA A 222 5.62 -18.66 9.50
N GLU A 223 5.09 -17.82 8.62
CA GLU A 223 4.00 -18.14 7.66
C GLU A 223 4.54 -18.94 6.46
N ALA A 224 5.86 -19.04 6.33
CA ALA A 224 6.54 -19.69 5.18
C ALA A 224 6.51 -21.22 5.32
N LYS A 225 6.36 -21.75 6.54
CA LYS A 225 6.25 -23.21 6.80
C LYS A 225 4.80 -23.66 6.62
N ALA A 226 4.59 -24.93 6.26
CA ALA A 226 3.26 -25.55 6.06
C ALA A 226 2.52 -25.63 7.41
N ALA A 227 1.21 -25.37 7.39
CA ALA A 227 0.29 -25.43 8.55
C ALA A 227 -0.55 -26.70 8.46
N PRO A 228 -0.76 -27.46 9.57
CA PRO A 228 -1.55 -28.69 9.52
C PRO A 228 -3.02 -28.41 9.16
N GLY A 229 -3.50 -29.06 8.10
CA GLY A 229 -4.83 -28.78 7.48
C GLY A 229 -5.03 -27.30 7.26
N GLY A 230 -4.10 -26.67 6.53
CA GLY A 230 -4.05 -25.21 6.28
C GLY A 230 -3.27 -24.89 5.01
N ASP A 231 -2.39 -23.87 5.07
CA ASP A 231 -1.57 -23.42 3.91
C ASP A 231 -0.38 -24.38 3.73
N ARG A 232 0.03 -24.59 2.48
CA ARG A 232 1.16 -25.46 2.07
C ARG A 232 2.48 -24.72 2.27
N GLU A 233 3.60 -25.45 2.30
CA GLU A 233 4.98 -24.90 2.45
C GLU A 233 5.21 -23.83 1.37
N SER A 234 5.82 -22.70 1.75
CA SER A 234 6.28 -21.63 0.83
C SER A 234 7.68 -21.97 0.29
N PHE A 235 7.88 -21.74 -1.00
CA PHE A 235 9.21 -21.83 -1.65
C PHE A 235 9.60 -20.43 -2.11
N ALA A 236 10.89 -20.26 -2.32
CA ALA A 236 11.51 -18.98 -2.71
C ALA A 236 12.35 -19.23 -3.97
N LEU A 237 12.26 -18.30 -4.91
CA LEU A 237 13.19 -18.17 -6.06
C LEU A 237 14.07 -16.94 -5.80
N LEU A 238 15.38 -17.14 -5.65
CA LEU A 238 16.33 -16.06 -5.24
C LEU A 238 17.28 -15.74 -6.39
N HIS A 239 17.37 -14.43 -6.70
CA HIS A 239 18.29 -13.79 -7.66
C HIS A 239 19.12 -12.78 -6.90
N PRO A 240 20.35 -12.43 -7.35
CA PRO A 240 21.11 -11.34 -6.71
C PRO A 240 20.32 -10.05 -6.48
N ASP A 241 19.35 -9.74 -7.35
CA ASP A 241 18.62 -8.45 -7.40
C ASP A 241 17.10 -8.66 -7.37
N GLY A 242 16.63 -9.80 -6.85
CA GLY A 242 15.19 -10.06 -6.73
C GLY A 242 14.86 -11.38 -6.03
N TYR A 243 13.65 -11.50 -5.52
CA TYR A 243 13.12 -12.78 -5.00
C TYR A 243 11.61 -12.86 -5.26
N ALA A 244 11.09 -14.10 -5.21
CA ALA A 244 9.66 -14.45 -5.34
C ALA A 244 9.34 -15.51 -4.29
N LEU A 245 8.37 -15.24 -3.42
CA LEU A 245 7.81 -16.25 -2.49
C LEU A 245 6.50 -16.72 -3.10
N TYR A 246 6.32 -18.04 -3.16
CA TYR A 246 5.10 -18.66 -3.75
C TYR A 246 4.78 -19.93 -2.96
N ARG A 247 3.51 -20.31 -3.00
CA ARG A 247 3.01 -21.60 -2.47
C ARG A 247 1.90 -22.09 -3.41
N VAL A 248 1.69 -23.41 -3.48
CA VAL A 248 0.55 -24.00 -4.21
C VAL A 248 -0.73 -23.67 -3.41
N ASP A 249 -1.83 -23.37 -4.10
CA ASP A 249 -3.15 -23.10 -3.47
C ASP A 249 -3.61 -24.33 -2.69
N ARG A 250 -4.25 -24.12 -1.52
CA ARG A 250 -4.79 -25.19 -0.64
C ARG A 250 -5.56 -26.23 -1.46
N THR A 251 -6.52 -25.76 -2.26
CA THR A 251 -7.57 -26.60 -2.90
C THR A 251 -7.26 -26.81 -4.39
N ASP A 252 -6.92 -25.74 -5.13
CA ASP A 252 -6.56 -25.85 -6.58
C ASP A 252 -5.07 -26.18 -6.67
N LEU A 253 -4.72 -27.45 -6.89
CA LEU A 253 -3.33 -27.95 -6.83
C LEU A 253 -2.57 -27.69 -8.13
N LYS A 254 -3.23 -27.10 -9.13
CA LYS A 254 -2.60 -26.68 -10.41
C LYS A 254 -2.35 -25.16 -10.40
N LEU A 255 -2.61 -24.47 -9.28
CA LEU A 255 -2.43 -23.00 -9.13
C LEU A 255 -1.31 -22.69 -8.12
N ALA A 256 -0.28 -21.97 -8.57
CA ALA A 256 0.76 -21.40 -7.66
C ALA A 256 0.44 -19.93 -7.42
N ARG A 257 0.29 -19.54 -6.14
CA ARG A 257 0.09 -18.12 -5.74
C ARG A 257 1.46 -17.53 -5.39
N VAL A 258 1.92 -16.53 -6.15
CA VAL A 258 3.10 -15.70 -5.78
C VAL A 258 2.63 -14.69 -4.74
N SER A 259 3.02 -14.86 -3.47
CA SER A 259 2.59 -13.97 -2.35
C SER A 259 3.33 -12.63 -2.46
N GLU A 260 4.55 -12.65 -2.98
CA GLU A 260 5.47 -11.49 -2.97
C GLU A 260 6.56 -11.66 -4.01
N LEU A 261 6.71 -10.71 -4.93
CA LEU A 261 7.84 -10.67 -5.88
C LEU A 261 8.46 -9.27 -5.86
N ARG A 262 9.69 -9.17 -5.34
CA ARG A 262 10.47 -7.93 -5.23
C ARG A 262 11.66 -7.99 -6.19
N ALA A 263 11.67 -7.14 -7.21
CA ALA A 263 12.73 -7.06 -8.24
C ALA A 263 13.24 -5.61 -8.33
N VAL A 264 14.54 -5.44 -8.18
CA VAL A 264 15.26 -4.13 -8.18
C VAL A 264 15.66 -3.79 -9.63
N THR A 265 15.85 -4.79 -10.48
CA THR A 265 16.28 -4.61 -11.90
C THR A 265 15.30 -5.36 -12.83
N ALA A 266 15.27 -4.96 -14.10
CA ALA A 266 14.42 -5.58 -15.14
C ALA A 266 14.88 -7.01 -15.40
N ASP A 267 16.19 -7.25 -15.34
CA ASP A 267 16.83 -8.59 -15.52
C ASP A 267 16.30 -9.54 -14.44
N ALA A 268 16.26 -9.09 -13.18
CA ALA A 268 15.83 -9.91 -12.03
C ALA A 268 14.36 -10.30 -12.23
N HIS A 269 13.53 -9.35 -12.64
CA HIS A 269 12.07 -9.51 -12.87
C HIS A 269 11.84 -10.57 -13.95
N CYS A 270 12.59 -10.51 -15.05
CA CYS A 270 12.48 -11.50 -16.15
C CYS A 270 12.96 -12.89 -15.68
N ALA A 271 14.16 -12.96 -15.10
CA ALA A 271 14.78 -14.22 -14.61
C ALA A 271 13.81 -14.92 -13.65
N LEU A 272 13.21 -14.18 -12.73
CA LEU A 272 12.26 -14.74 -11.74
C LEU A 272 11.01 -15.26 -12.47
N TRP A 273 10.53 -14.53 -13.48
CA TRP A 273 9.31 -14.96 -14.21
C TRP A 273 9.61 -16.17 -15.10
N ARG A 274 10.81 -16.23 -15.71
CA ARG A 274 11.26 -17.39 -16.49
C ARG A 274 11.21 -18.65 -15.62
N ALA A 275 11.68 -18.54 -14.38
CA ALA A 275 11.67 -19.65 -13.39
C ALA A 275 10.22 -20.03 -13.04
N LEU A 276 9.34 -19.05 -12.79
CA LEU A 276 7.95 -19.32 -12.37
C LEU A 276 7.18 -20.02 -13.51
N ILE A 277 7.41 -19.59 -14.75
CA ILE A 277 6.82 -20.21 -15.98
C ILE A 277 7.36 -21.64 -16.14
N GLY A 278 8.51 -21.96 -15.54
CA GLY A 278 9.09 -23.32 -15.52
C GLY A 278 8.55 -24.22 -14.41
N LEU A 279 7.50 -23.83 -13.68
CA LEU A 279 6.85 -24.74 -12.70
C LEU A 279 5.90 -25.68 -13.48
N ASP A 280 6.46 -26.72 -14.09
CA ASP A 280 5.79 -27.51 -15.16
C ASP A 280 4.61 -28.31 -14.58
N SER A 281 4.56 -28.56 -13.27
CA SER A 281 3.41 -29.24 -12.62
C SER A 281 2.22 -28.29 -12.39
N MET A 282 2.36 -26.98 -12.67
CA MET A 282 1.29 -25.97 -12.47
C MET A 282 0.65 -25.62 -13.82
N GLU A 283 -0.66 -25.37 -13.83
CA GLU A 283 -1.42 -24.84 -15.00
C GLU A 283 -1.37 -23.30 -14.96
N ARG A 284 -1.39 -22.72 -13.77
CA ARG A 284 -1.62 -21.26 -13.58
C ARG A 284 -0.67 -20.73 -12.50
N ILE A 285 -0.02 -19.60 -12.81
CA ILE A 285 0.64 -18.69 -11.81
C ILE A 285 -0.24 -17.45 -11.68
N SER A 286 -0.62 -17.11 -10.44
CA SER A 286 -1.29 -15.84 -10.08
C SER A 286 -0.41 -15.01 -9.15
N ILE A 287 -0.46 -13.69 -9.32
CA ILE A 287 0.25 -12.70 -8.47
C ILE A 287 -0.64 -11.46 -8.33
N ILE A 288 -0.67 -10.87 -7.13
CA ILE A 288 -1.26 -9.52 -6.91
C ILE A 288 -0.11 -8.52 -7.08
N THR A 289 -0.20 -7.72 -8.14
CA THR A 289 0.87 -6.80 -8.61
C THR A 289 0.23 -5.43 -8.85
N HIS A 290 0.88 -4.60 -9.67
CA HIS A 290 0.43 -3.21 -9.97
C HIS A 290 0.08 -3.12 -11.45
N PRO A 291 -0.78 -2.16 -11.87
CA PRO A 291 -1.20 -2.03 -13.28
C PRO A 291 -0.05 -1.94 -14.31
N GLN A 292 1.12 -1.44 -13.92
CA GLN A 292 2.25 -1.21 -14.86
C GLN A 292 3.25 -2.38 -14.82
N ASP A 293 2.91 -3.52 -14.20
CA ASP A 293 3.79 -4.72 -14.19
C ASP A 293 4.11 -5.07 -15.64
N PRO A 294 5.40 -5.13 -16.03
CA PRO A 294 5.77 -5.43 -17.41
C PRO A 294 5.62 -6.90 -17.85
N LEU A 295 5.18 -7.80 -16.96
CA LEU A 295 5.06 -9.25 -17.26
C LEU A 295 4.33 -9.49 -18.59
N PRO A 296 3.14 -8.91 -18.86
CA PRO A 296 2.45 -9.21 -20.11
C PRO A 296 3.31 -9.00 -21.37
N HIS A 297 4.22 -8.01 -21.35
CA HIS A 297 5.08 -7.60 -22.48
C HIS A 297 6.32 -8.51 -22.61
N LEU A 298 6.60 -9.34 -21.62
CA LEU A 298 7.69 -10.34 -21.68
C LEU A 298 7.26 -11.56 -22.50
N LEU A 299 5.97 -11.69 -22.83
CA LEU A 299 5.39 -12.89 -23.50
C LEU A 299 5.08 -12.55 -24.95
N THR A 300 5.13 -13.55 -25.85
CA THR A 300 4.72 -13.39 -27.27
C THR A 300 3.22 -13.11 -27.34
N ASP A 301 2.44 -13.60 -26.37
CA ASP A 301 0.97 -13.40 -26.27
C ASP A 301 0.70 -12.65 -24.96
N THR A 302 0.50 -11.32 -25.03
CA THR A 302 0.23 -10.43 -23.86
C THR A 302 -1.06 -10.87 -23.17
N ARG A 303 -1.99 -11.49 -23.90
CA ARG A 303 -3.32 -11.87 -23.39
C ARG A 303 -3.22 -13.02 -22.38
N LEU A 304 -2.10 -13.77 -22.38
CA LEU A 304 -1.90 -14.96 -21.50
C LEU A 304 -1.83 -14.54 -20.03
N ALA A 305 -1.42 -13.31 -19.77
CA ALA A 305 -1.42 -12.71 -18.42
C ALA A 305 -2.73 -11.96 -18.22
N ARG A 306 -3.81 -12.67 -17.91
CA ARG A 306 -5.17 -12.08 -17.72
C ARG A 306 -5.21 -11.33 -16.39
N THR A 307 -5.86 -10.15 -16.38
CA THR A 307 -6.26 -9.42 -15.16
C THR A 307 -7.53 -10.07 -14.64
N THR A 308 -7.47 -10.75 -13.49
CA THR A 308 -8.56 -11.56 -12.89
C THR A 308 -9.13 -10.88 -11.65
N TRP A 309 -8.67 -9.67 -11.31
CA TRP A 309 -9.11 -8.97 -10.07
C TRP A 309 -8.43 -7.61 -9.96
N ARG A 310 -9.19 -6.58 -9.59
CA ARG A 310 -8.63 -5.23 -9.40
C ARG A 310 -9.29 -4.60 -8.17
N GLN A 311 -8.53 -3.93 -7.34
CA GLN A 311 -9.10 -3.32 -6.13
C GLN A 311 -8.17 -2.21 -5.63
N ASP A 312 -8.71 -1.28 -4.86
CA ASP A 312 -7.91 -0.21 -4.23
C ASP A 312 -6.97 -0.86 -3.22
N GLY A 313 -5.74 -0.37 -3.14
CA GLY A 313 -4.79 -0.93 -2.17
C GLY A 313 -4.65 -0.04 -0.96
N LEU A 314 -3.60 0.75 -0.92
CA LEU A 314 -3.36 1.66 0.24
C LEU A 314 -4.20 2.93 0.09
N TRP A 315 -4.76 3.42 1.18
CA TRP A 315 -5.54 4.68 1.20
C TRP A 315 -4.74 5.72 1.98
N LEU A 316 -4.73 6.94 1.50
CA LEU A 316 -3.96 8.04 2.14
C LEU A 316 -4.92 9.12 2.63
N ARG A 317 -4.71 9.58 3.87
CA ARG A 317 -5.23 10.87 4.39
C ARG A 317 -4.03 11.79 4.55
N ILE A 318 -3.99 12.87 3.75
CA ILE A 318 -3.01 13.98 3.89
C ILE A 318 -3.37 14.73 5.17
N MET A 319 -2.53 14.65 6.21
CA MET A 319 -2.76 15.30 7.53
C MET A 319 -2.40 16.79 7.42
N ASN A 320 -1.29 17.08 6.77
CA ASN A 320 -0.72 18.45 6.59
C ASN A 320 -0.48 18.68 5.09
N VAL A 321 -1.34 19.48 4.44
CA VAL A 321 -1.29 19.70 2.97
C VAL A 321 0.05 20.31 2.60
N PRO A 322 0.47 21.46 3.17
CA PRO A 322 1.73 22.09 2.80
C PRO A 322 2.93 21.14 2.93
N ALA A 323 3.06 20.46 4.06
CA ALA A 323 4.21 19.55 4.35
C ALA A 323 4.23 18.40 3.35
N ALA A 324 3.09 17.78 3.05
CA ALA A 324 2.99 16.62 2.13
C ALA A 324 3.31 17.06 0.69
N LEU A 325 2.72 18.16 0.23
CA LEU A 325 2.95 18.65 -1.16
C LEU A 325 4.42 19.06 -1.33
N GLU A 326 5.05 19.66 -0.33
CA GLU A 326 6.46 20.12 -0.43
C GLU A 326 7.44 18.94 -0.36
N ALA A 327 7.07 17.87 0.35
CA ALA A 327 7.98 16.72 0.63
C ALA A 327 8.23 15.87 -0.63
N ARG A 328 7.27 15.76 -1.56
CA ARG A 328 7.38 14.81 -2.70
C ARG A 328 7.99 15.54 -3.91
N GLY A 329 8.61 14.76 -4.81
CA GLY A 329 9.11 15.23 -6.11
C GLY A 329 8.03 15.24 -7.17
N TYR A 330 8.21 16.06 -8.21
CA TYR A 330 7.24 16.25 -9.31
C TYR A 330 7.96 16.00 -10.65
N ALA A 331 7.19 15.72 -11.70
CA ALA A 331 7.73 15.48 -13.06
C ALA A 331 8.59 16.69 -13.48
N HIS A 332 9.88 16.45 -13.79
CA HIS A 332 10.82 17.46 -14.35
C HIS A 332 10.38 17.92 -15.74
N GLU A 333 9.51 17.16 -16.41
CA GLU A 333 9.16 17.32 -17.84
C GLU A 333 7.99 18.28 -18.05
N VAL A 334 7.57 19.03 -17.01
CA VAL A 334 6.51 20.06 -17.10
C VAL A 334 7.11 21.41 -16.66
N GLY A 335 6.82 22.48 -17.41
CA GLY A 335 7.38 23.83 -17.16
C GLY A 335 6.91 24.37 -15.82
N GLU A 336 7.65 25.30 -15.23
CA GLU A 336 7.26 25.93 -13.94
C GLU A 336 5.87 26.54 -14.09
N PHE A 337 5.03 26.40 -13.06
CA PHE A 337 3.65 26.96 -13.04
C PHE A 337 3.20 27.18 -11.60
N SER A 338 2.21 28.06 -11.43
CA SER A 338 1.69 28.53 -10.11
C SER A 338 0.17 28.50 -10.13
N THR A 339 -0.44 28.23 -8.99
CA THR A 339 -1.91 28.17 -8.85
C THR A 339 -2.28 28.34 -7.37
N VAL A 340 -3.57 28.41 -7.10
CA VAL A 340 -4.14 28.47 -5.72
C VAL A 340 -5.03 27.25 -5.56
N LEU A 341 -4.68 26.41 -4.58
CA LEU A 341 -5.37 25.13 -4.25
C LEU A 341 -6.13 25.30 -2.93
N GLU A 342 -7.44 25.03 -2.97
CA GLU A 342 -8.29 24.93 -1.76
C GLU A 342 -8.64 23.45 -1.53
N VAL A 343 -8.26 22.92 -0.37
CA VAL A 343 -8.80 21.64 0.18
C VAL A 343 -9.97 22.03 1.08
N SER A 344 -11.16 21.44 0.87
CA SER A 344 -12.36 21.66 1.72
C SER A 344 -11.99 21.44 3.20
N ASP A 345 -12.16 22.46 4.04
CA ASP A 345 -11.82 22.42 5.49
C ASP A 345 -10.39 21.87 5.70
N GLY A 346 -9.43 22.35 4.91
CA GLY A 346 -8.02 21.88 4.97
C GLY A 346 -7.00 22.96 4.65
N GLY A 347 -7.48 24.16 4.28
CA GLY A 347 -6.64 25.33 3.97
C GLY A 347 -6.70 25.72 2.50
N ARG A 348 -6.34 26.97 2.20
CA ARG A 348 -6.11 27.45 0.82
C ARG A 348 -4.62 27.79 0.68
N PHE A 349 -4.01 27.46 -0.46
CA PHE A 349 -2.54 27.49 -0.63
C PHE A 349 -2.18 28.00 -2.02
N ALA A 350 -1.21 28.91 -2.07
CA ALA A 350 -0.45 29.26 -3.28
C ALA A 350 0.49 28.10 -3.57
N LEU A 351 0.26 27.38 -4.66
CA LEU A 351 1.04 26.19 -5.05
C LEU A 351 1.91 26.58 -6.24
N LYS A 352 3.22 26.40 -6.13
CA LYS A 352 4.20 26.74 -7.19
C LYS A 352 5.09 25.52 -7.40
N ILE A 353 5.04 24.93 -8.59
CA ILE A 353 5.77 23.67 -8.95
C ILE A 353 6.72 23.98 -10.12
N GLY A 354 8.00 23.67 -9.96
CA GLY A 354 9.00 23.74 -11.05
C GLY A 354 10.29 23.06 -10.62
N ASP A 355 11.06 22.53 -11.58
CA ASP A 355 12.31 21.76 -11.32
C ASP A 355 12.00 20.59 -10.38
N GLY A 356 10.82 19.99 -10.52
CA GLY A 356 10.37 18.82 -9.73
C GLY A 356 10.27 19.08 -8.23
N ARG A 357 10.22 20.34 -7.78
CA ARG A 357 9.96 20.70 -6.36
C ARG A 357 8.70 21.58 -6.31
N ALA A 358 7.98 21.53 -5.20
CA ALA A 358 6.78 22.38 -4.94
C ALA A 358 7.04 23.29 -3.73
N ARG A 359 6.49 24.49 -3.78
CA ARG A 359 6.38 25.43 -2.63
C ARG A 359 4.90 25.68 -2.39
N CYS A 360 4.44 25.46 -1.17
CA CYS A 360 3.00 25.49 -0.79
C CYS A 360 2.83 26.42 0.41
N THR A 361 2.27 27.62 0.22
CA THR A 361 2.24 28.70 1.26
C THR A 361 0.82 29.25 1.43
N PRO A 362 0.46 29.72 2.66
CA PRO A 362 -0.89 30.22 2.92
C PRO A 362 -1.24 31.40 2.00
N THR A 363 -2.51 31.49 1.60
CA THR A 363 -3.04 32.63 0.80
C THR A 363 -4.54 32.76 1.01
N ASP A 364 -5.09 33.95 0.77
CA ASP A 364 -6.55 34.20 0.75
C ASP A 364 -6.98 34.58 -0.67
N ALA A 365 -6.06 34.52 -1.64
CA ALA A 365 -6.33 34.78 -3.08
C ALA A 365 -7.38 33.78 -3.58
N ALA A 366 -8.13 34.15 -4.63
CA ALA A 366 -9.18 33.32 -5.26
C ALA A 366 -8.62 31.93 -5.60
N ALA A 367 -9.32 30.88 -5.16
CA ALA A 367 -8.97 29.46 -5.44
C ALA A 367 -9.18 29.16 -6.92
N GLU A 368 -8.16 28.56 -7.57
CA GLU A 368 -8.23 28.07 -8.97
C GLU A 368 -8.60 26.59 -9.01
N ILE A 369 -8.23 25.83 -7.98
CA ILE A 369 -8.51 24.36 -7.86
C ILE A 369 -9.15 24.11 -6.49
N GLU A 370 -10.31 23.44 -6.47
CA GLU A 370 -10.96 22.97 -5.23
C GLU A 370 -11.06 21.45 -5.28
N MET A 371 -10.88 20.79 -4.13
CA MET A 371 -11.11 19.34 -3.95
C MET A 371 -11.24 19.03 -2.45
N ASP A 372 -12.05 18.03 -2.10
CA ASP A 372 -12.05 17.41 -0.75
C ASP A 372 -10.66 16.79 -0.50
N ARG A 373 -10.34 16.56 0.77
CA ARG A 373 -9.02 16.06 1.24
C ARG A 373 -8.72 14.66 0.67
N ASP A 374 -9.73 13.79 0.59
CA ASP A 374 -9.58 12.38 0.11
C ASP A 374 -9.04 12.38 -1.32
N VAL A 375 -9.48 13.32 -2.15
CA VAL A 375 -9.06 13.45 -3.59
C VAL A 375 -7.56 13.69 -3.64
N LEU A 376 -7.04 14.47 -2.70
CA LEU A 376 -5.59 14.83 -2.69
C LEU A 376 -4.76 13.58 -2.35
N GLY A 377 -5.21 12.77 -1.39
CA GLY A 377 -4.62 11.44 -1.10
C GLY A 377 -4.55 10.57 -2.33
N SER A 378 -5.65 10.51 -3.09
CA SER A 378 -5.77 9.71 -4.34
C SER A 378 -4.77 10.18 -5.40
N LEU A 379 -4.52 11.48 -5.51
CA LEU A 379 -3.58 12.08 -6.50
C LEU A 379 -2.13 11.90 -6.02
N TYR A 380 -1.90 11.79 -4.72
CA TYR A 380 -0.58 12.08 -4.09
C TYR A 380 0.53 11.15 -4.60
N LEU A 381 0.24 9.88 -4.91
CA LEU A 381 1.27 8.88 -5.33
C LEU A 381 1.27 8.67 -6.85
N GLY A 382 0.40 9.36 -7.59
CA GLY A 382 0.38 9.30 -9.07
C GLY A 382 -0.54 8.22 -9.65
N ALA A 383 -1.21 7.44 -8.80
CA ALA A 383 -2.07 6.30 -9.21
C ALA A 383 -3.32 6.76 -9.97
N HIS A 384 -3.84 7.95 -9.67
CA HIS A 384 -5.06 8.51 -10.30
C HIS A 384 -4.71 9.84 -10.97
N ARG A 385 -5.34 10.14 -12.11
CA ARG A 385 -5.12 11.36 -12.91
C ARG A 385 -6.12 12.45 -12.49
N ALA A 386 -5.65 13.69 -12.36
CA ALA A 386 -6.48 14.86 -12.01
C ALA A 386 -7.62 14.99 -13.02
N SER A 387 -7.36 14.69 -14.30
CA SER A 387 -8.36 14.74 -15.40
C SER A 387 -9.54 13.82 -15.09
N THR A 388 -9.22 12.62 -14.62
CA THR A 388 -10.21 11.55 -14.31
C THR A 388 -11.08 12.02 -13.15
N LEU A 389 -10.45 12.50 -12.07
CA LEU A 389 -11.17 12.98 -10.87
C LEU A 389 -11.97 14.24 -11.23
N ALA A 390 -11.48 15.05 -12.17
CA ALA A 390 -12.15 16.28 -12.65
C ALA A 390 -13.42 15.91 -13.43
N ALA A 391 -13.34 14.89 -14.29
CA ALA A 391 -14.48 14.39 -15.08
C ALA A 391 -15.66 14.01 -14.17
N ALA A 392 -15.40 13.55 -12.94
CA ALA A 392 -16.43 13.12 -11.97
C ALA A 392 -16.80 14.27 -11.04
N ASN A 393 -16.25 15.47 -11.29
CA ASN A 393 -16.47 16.71 -10.50
C ASN A 393 -16.04 16.52 -9.03
N ARG A 394 -15.07 15.63 -8.77
CA ARG A 394 -14.40 15.50 -7.44
C ARG A 394 -13.32 16.58 -7.30
N LEU A 395 -12.93 17.18 -8.42
CA LEU A 395 -11.82 18.17 -8.52
C LEU A 395 -12.31 19.31 -9.44
N ARG A 396 -12.58 20.48 -8.87
CA ARG A 396 -13.14 21.65 -9.62
C ARG A 396 -12.01 22.59 -10.03
N THR A 397 -11.96 22.93 -11.31
CA THR A 397 -11.21 24.09 -11.87
C THR A 397 -11.91 24.54 -13.16
N LYS A 398 -11.67 25.78 -13.59
CA LYS A 398 -12.26 26.35 -14.83
C LYS A 398 -11.18 26.44 -15.92
N ASP A 399 -9.96 25.99 -15.63
CA ASP A 399 -8.79 26.04 -16.55
C ASP A 399 -8.33 24.61 -16.87
N SER A 400 -8.55 24.16 -18.11
CA SER A 400 -8.19 22.79 -18.57
C SER A 400 -6.67 22.68 -18.78
N GLN A 401 -6.02 23.79 -19.13
CA GLN A 401 -4.54 23.91 -19.18
C GLN A 401 -3.95 23.55 -17.80
N LEU A 402 -4.52 24.10 -16.74
CA LEU A 402 -4.05 23.89 -15.34
C LEU A 402 -4.25 22.41 -14.98
N LEU A 403 -5.34 21.81 -15.47
CA LEU A 403 -5.65 20.36 -15.26
C LEU A 403 -4.56 19.50 -15.92
N ARG A 404 -4.20 19.77 -17.18
CA ARG A 404 -3.13 19.03 -17.90
C ARG A 404 -1.82 19.16 -17.11
N ARG A 405 -1.57 20.32 -16.53
CA ARG A 405 -0.31 20.61 -15.79
C ARG A 405 -0.29 19.81 -14.49
N LEU A 406 -1.40 19.78 -13.75
CA LEU A 406 -1.54 18.94 -12.53
C LEU A 406 -1.33 17.47 -12.88
N ASP A 407 -2.06 16.98 -13.88
CA ASP A 407 -1.91 15.61 -14.43
C ASP A 407 -0.42 15.27 -14.52
N ALA A 408 0.33 16.06 -15.28
CA ALA A 408 1.72 15.77 -15.69
C ALA A 408 2.63 15.84 -14.45
N ALA A 409 2.45 16.87 -13.62
CA ALA A 409 3.30 17.15 -12.44
C ALA A 409 3.13 16.07 -11.37
N PHE A 410 1.90 15.59 -11.15
CA PHE A 410 1.58 14.64 -10.03
C PHE A 410 1.88 13.20 -10.46
N ALA A 411 1.87 12.90 -11.76
CA ALA A 411 2.32 11.61 -12.32
C ALA A 411 3.65 11.20 -11.66
N SER A 412 3.88 9.88 -11.58
CA SER A 412 5.07 9.24 -10.97
C SER A 412 5.90 8.54 -12.06
N ASP A 413 7.16 8.93 -12.23
CA ASP A 413 8.09 8.27 -13.20
C ASP A 413 8.10 6.77 -12.88
N VAL A 414 8.47 6.43 -11.65
CA VAL A 414 8.47 5.02 -11.14
C VAL A 414 7.02 4.66 -10.81
N PRO A 415 6.47 3.59 -11.40
CA PRO A 415 5.07 3.22 -11.15
C PRO A 415 4.85 2.92 -9.66
N VAL A 416 3.71 3.34 -9.12
CA VAL A 416 3.39 3.17 -7.67
C VAL A 416 2.97 1.71 -7.45
N GLN A 417 3.48 1.10 -6.39
CA GLN A 417 3.18 -0.30 -5.99
C GLN A 417 2.64 -0.30 -4.55
N THR A 418 2.12 -1.44 -4.10
CA THR A 418 1.61 -1.63 -2.72
C THR A 418 2.60 -2.55 -2.01
N ALA A 419 3.07 -2.14 -0.82
CA ALA A 419 4.19 -2.82 -0.12
C ALA A 419 3.65 -4.09 0.55
N PHE A 420 2.78 -3.94 1.54
CA PHE A 420 2.27 -5.04 2.37
C PHE A 420 1.10 -4.52 3.21
N GLU A 421 0.13 -5.40 3.46
CA GLU A 421 -1.14 -5.10 4.16
C GLU A 421 -0.84 -4.93 5.65
N PHE A 422 -1.52 -3.97 6.29
CA PHE A 422 -1.48 -3.75 7.76
C PHE A 422 -2.89 -3.35 8.22
#